data_1LPB
#
_entry.id   1LPB
#
_cell.length_a   133.700
_cell.length_b   133.700
_cell.length_c   93.300
_cell.angle_alpha   90.00
_cell.angle_beta   90.00
_cell.angle_gamma   90.00
#
_symmetry.space_group_name_H-M   'P 42 21 2'
#
loop_
_entity.id
_entity.type
_entity.pdbx_description
1 polymer COLIPASE
2 polymer LIPASE
3 non-polymer 'octyl beta-D-glucopyranoside'
4 non-polymer 'CALCIUM ION'
5 non-polymer 'METHOXYUNDECYLPHOSPHINIC ACID'
6 water water
#
loop_
_entity_poly.entity_id
_entity_poly.type
_entity_poly.pdbx_seq_one_letter_code
_entity_poly.pdbx_strand_id
1 'polypeptide(L)'
;VPDPRGIIINLDEGELCLNSAQCKSNCCQHDTILSLSRCALKARENSECSAFTLYGVYYKCPCERGLTCEGDKSLVGSIT
NTNFGICHNVGRSDS
;
A
2 'polypeptide(L)'
;KEVCYERLGCFSDDSPWSGITERPLHILPWSPKDVNTRFLLYTNENPNNFQEVAADSSSISGSNFKTNRKTRFIIHGFID
KGEENWLANVCKNLFKVESVNCICVDWKGGSRTGYTQASQNIRIVGAEVAYFVEFLQSAFGYSPSNVHVIGHSLGAHAAG
EAGRRTNGTIGRITGLDPAEPCFQGTPELVRLDPSDAKFVDVIHTDGAPIVPNLGFGMSQVVGHLDFFPNGGVEMPGCKK
NILSQIVDIDGIWEGTRDFAACNHLRSYKYYTDSIVNPDGFAGFPCASYNVFTANKCFPCPSGGCPQMGHYADRYPGKTN
DVGQKFYLDTGDASNFARWRYKVSVTLSGKKVTGHILVSLFGNKGNSKQYEIFKGTLKPDSTHSNEFDSDVDVGDLQMVK
FIWYNNVINPTLPRVGASKIIVETNVGKQFNFCSPETVREEVLLTLTPC
;
B
#
loop_
_chem_comp.id
_chem_comp.type
_chem_comp.name
_chem_comp.formula
BOG D-saccharide 'octyl beta-D-glucopyranoside' 'C14 H28 O6'
CA non-polymer 'CALCIUM ION' 'Ca 2'
MUP non-polymer 'METHOXYUNDECYLPHOSPHINIC ACID' 'C12 H27 O3 P'
#
# COMPACT_ATOMS: atom_id res chain seq x y z
N GLY A 6 -19.36 -13.36 14.47
CA GLY A 6 -20.20 -14.35 15.23
C GLY A 6 -21.00 -15.10 14.18
N ILE A 7 -21.29 -16.38 14.40
CA ILE A 7 -22.02 -17.19 13.42
C ILE A 7 -21.73 -16.76 11.97
N ILE A 8 -20.53 -17.10 11.54
CA ILE A 8 -20.05 -16.78 10.20
C ILE A 8 -18.68 -17.46 10.18
N ILE A 9 -18.60 -18.44 9.29
CA ILE A 9 -17.47 -19.32 9.10
C ILE A 9 -16.54 -18.82 7.98
N ASN A 10 -15.38 -19.47 7.82
CA ASN A 10 -14.40 -19.12 6.79
C ASN A 10 -13.91 -17.66 6.72
N LEU A 11 -13.82 -17.05 7.90
CA LEU A 11 -13.36 -15.69 8.07
C LEU A 11 -11.90 -15.49 7.69
N ASP A 12 -11.58 -14.26 7.30
CA ASP A 12 -10.24 -13.85 6.91
C ASP A 12 -9.51 -13.22 8.08
N GLU A 13 -8.19 -13.12 7.93
CA GLU A 13 -7.36 -12.54 8.96
C GLU A 13 -7.82 -11.09 9.20
N GLY A 14 -7.82 -10.66 10.46
CA GLY A 14 -8.27 -9.32 10.78
C GLY A 14 -9.76 -9.22 10.99
N GLU A 15 -10.51 -10.25 10.60
CA GLU A 15 -11.95 -10.26 10.80
C GLU A 15 -12.19 -10.69 12.25
N LEU A 16 -13.14 -10.06 12.93
CA LEU A 16 -13.43 -10.42 14.33
C LEU A 16 -13.94 -11.86 14.43
N CYS A 17 -13.67 -12.49 15.56
CA CYS A 17 -14.12 -13.84 15.77
C CYS A 17 -14.35 -14.08 17.24
N LEU A 18 -15.10 -15.13 17.51
CA LEU A 18 -15.45 -15.55 18.84
C LEU A 18 -14.72 -16.83 19.13
N ASN A 19 -14.41 -17.59 18.07
CA ASN A 19 -13.74 -18.88 18.19
C ASN A 19 -12.93 -19.26 16.95
N SER A 20 -11.79 -19.94 17.14
CA SER A 20 -10.92 -20.36 16.02
C SER A 20 -11.60 -21.15 14.90
N ALA A 21 -12.68 -21.85 15.24
CA ALA A 21 -13.40 -22.61 14.23
C ALA A 21 -13.83 -21.70 13.08
N GLN A 22 -14.11 -20.44 13.39
CA GLN A 22 -14.54 -19.48 12.36
C GLN A 22 -13.44 -19.00 11.40
N CYS A 23 -12.18 -19.08 11.82
CA CYS A 23 -11.06 -18.59 11.03
C CYS A 23 -10.41 -19.58 10.11
N LYS A 24 -10.19 -19.17 8.85
CA LYS A 24 -9.54 -20.02 7.85
C LYS A 24 -8.20 -20.46 8.48
N SER A 25 -7.45 -19.48 8.97
CA SER A 25 -6.20 -19.75 9.68
C SER A 25 -6.86 -20.12 10.98
N ASN A 26 -6.65 -21.33 11.48
CA ASN A 26 -7.34 -21.69 12.70
C ASN A 26 -6.75 -21.08 13.94
N CYS A 27 -6.92 -19.77 14.06
CA CYS A 27 -6.41 -19.01 15.20
C CYS A 27 -7.17 -17.71 15.39
N CYS A 28 -8.09 -17.69 16.34
CA CYS A 28 -8.80 -16.45 16.64
C CYS A 28 -7.86 -15.94 17.71
N GLN A 29 -7.36 -14.73 17.57
CA GLN A 29 -6.37 -14.26 18.53
C GLN A 29 -6.64 -12.88 19.09
N HIS A 30 -6.10 -12.62 20.28
CA HIS A 30 -6.19 -11.32 20.90
C HIS A 30 -5.00 -11.18 21.82
N ASP A 31 -4.49 -9.95 21.94
CA ASP A 31 -3.31 -9.69 22.75
C ASP A 31 -3.52 -9.66 24.25
N THR A 32 -4.69 -9.22 24.70
CA THR A 32 -4.95 -9.18 26.13
C THR A 32 -6.32 -9.76 26.43
N ILE A 33 -6.61 -9.92 27.71
CA ILE A 33 -7.89 -10.49 28.16
C ILE A 33 -9.10 -9.63 27.79
N LEU A 34 -9.02 -8.34 28.07
CA LEU A 34 -10.11 -7.44 27.76
C LEU A 34 -9.83 -6.71 26.44
N SER A 35 -9.97 -7.44 25.34
CA SER A 35 -9.75 -6.88 24.01
C SER A 35 -10.31 -7.85 22.97
N LEU A 36 -10.85 -7.28 21.90
CA LEU A 36 -11.46 -8.02 20.81
C LEU A 36 -10.50 -8.92 20.08
N SER A 37 -10.96 -10.10 19.64
CA SER A 37 -10.07 -11.01 18.95
C SER A 37 -10.44 -11.16 17.48
N ARG A 38 -9.43 -11.25 16.62
CA ARG A 38 -9.64 -11.38 15.19
C ARG A 38 -8.81 -12.53 14.64
N CYS A 39 -9.10 -12.97 13.43
CA CYS A 39 -8.35 -14.06 12.88
C CYS A 39 -6.92 -13.66 12.59
N ALA A 40 -5.98 -14.50 12.99
CA ALA A 40 -4.56 -14.21 12.77
C ALA A 40 -3.87 -15.43 12.17
N LEU A 41 -2.75 -15.22 11.49
CA LEU A 41 -2.00 -16.33 10.91
C LEU A 41 -1.28 -17.12 12.02
N LYS A 42 -1.11 -18.42 11.81
CA LYS A 42 -0.41 -19.26 12.79
C LYS A 42 1.07 -18.85 12.84
N ALA A 43 1.71 -19.05 13.98
CA ALA A 43 3.11 -18.68 14.17
C ALA A 43 4.08 -19.40 13.22
N ARG A 44 4.95 -18.63 12.55
CA ARG A 44 5.94 -19.17 11.64
C ARG A 44 7.08 -19.71 12.51
N GLU A 45 8.04 -20.42 11.91
CA GLU A 45 9.17 -20.96 12.66
C GLU A 45 9.95 -19.88 13.41
N ASN A 46 10.41 -20.25 14.60
CA ASN A 46 11.23 -19.42 15.49
C ASN A 46 10.60 -18.24 16.18
N SER A 47 9.28 -18.10 16.05
CA SER A 47 8.57 -17.00 16.69
C SER A 47 7.66 -17.55 17.79
N GLU A 48 7.09 -16.66 18.58
CA GLU A 48 6.23 -17.07 19.68
C GLU A 48 4.89 -17.71 19.29
N CYS A 49 4.52 -18.73 20.07
CA CYS A 49 3.31 -19.48 19.84
C CYS A 49 2.61 -19.83 21.15
N SER A 50 1.57 -20.65 21.02
CA SER A 50 0.83 -21.12 22.16
C SER A 50 0.49 -22.56 21.87
N ALA A 51 0.36 -23.33 22.94
CA ALA A 51 0.00 -24.73 22.79
C ALA A 51 -1.50 -24.75 22.47
N PHE A 52 -1.90 -25.62 21.54
CA PHE A 52 -3.29 -25.76 21.14
C PHE A 52 -4.18 -25.67 22.39
N THR A 53 -5.30 -24.97 22.32
CA THR A 53 -6.15 -24.85 23.50
C THR A 53 -7.60 -25.26 23.36
N LEU A 54 -8.29 -25.26 24.50
CA LEU A 54 -9.71 -25.61 24.63
C LEU A 54 -10.58 -24.35 24.71
N TYR A 55 -9.95 -23.20 24.97
CA TYR A 55 -10.68 -21.94 25.09
C TYR A 55 -11.13 -21.31 23.78
N GLY A 56 -10.64 -21.84 22.67
CA GLY A 56 -11.03 -21.32 21.38
C GLY A 56 -10.22 -20.16 20.84
N VAL A 57 -9.70 -19.33 21.73
CA VAL A 57 -8.88 -18.20 21.30
C VAL A 57 -7.49 -18.31 21.92
N TYR A 58 -6.55 -17.56 21.36
CA TYR A 58 -5.16 -17.57 21.80
C TYR A 58 -4.64 -16.18 22.06
N TYR A 59 -3.56 -16.06 22.82
CA TYR A 59 -2.92 -14.78 23.01
C TYR A 59 -1.77 -14.80 22.01
N LYS A 60 -1.41 -16.01 21.62
CA LYS A 60 -0.37 -16.28 20.63
C LYS A 60 -0.91 -17.46 19.86
N CYS A 61 -0.63 -17.53 18.57
CA CYS A 61 -1.14 -18.58 17.74
C CYS A 61 -0.28 -19.84 17.74
N PRO A 62 -0.92 -20.99 17.45
CA PRO A 62 -0.20 -22.26 17.38
C PRO A 62 0.70 -22.15 16.13
N CYS A 63 1.69 -23.02 16.03
CA CYS A 63 2.61 -23.01 14.90
C CYS A 63 2.00 -23.58 13.63
N GLU A 64 2.70 -23.37 12.52
CA GLU A 64 2.27 -23.87 11.22
C GLU A 64 2.58 -25.39 11.13
N ARG A 65 2.30 -25.99 9.99
CA ARG A 65 2.53 -27.42 9.87
C ARG A 65 3.96 -27.86 10.03
N GLY A 66 4.09 -29.04 10.64
CA GLY A 66 5.37 -29.68 10.88
C GLY A 66 6.17 -29.03 11.98
N LEU A 67 5.55 -28.06 12.64
CA LEU A 67 6.24 -27.34 13.68
C LEU A 67 5.71 -27.62 15.08
N THR A 68 6.61 -27.60 16.05
CA THR A 68 6.26 -27.83 17.45
C THR A 68 6.47 -26.58 18.26
N CYS A 69 5.47 -26.22 19.06
CA CYS A 69 5.61 -25.07 19.91
C CYS A 69 6.27 -25.51 21.21
N GLU A 70 7.58 -25.32 21.31
CA GLU A 70 8.33 -25.70 22.50
C GLU A 70 8.33 -24.64 23.58
N GLY A 71 7.98 -25.07 24.79
CA GLY A 71 7.95 -24.18 25.93
C GLY A 71 7.39 -24.94 27.12
N ASP A 72 7.35 -24.28 28.27
CA ASP A 72 6.83 -24.93 29.46
C ASP A 72 5.34 -25.03 29.35
N LYS A 73 4.85 -26.25 29.53
CA LYS A 73 3.42 -26.52 29.48
C LYS A 73 3.04 -26.84 30.93
N SER A 74 2.18 -26.01 31.52
CA SER A 74 1.78 -26.22 32.91
C SER A 74 0.29 -26.47 33.06
N LEU A 75 -0.09 -26.93 34.24
CA LEU A 75 -1.50 -27.20 34.56
C LEU A 75 -2.14 -25.84 34.77
N VAL A 76 -1.41 -24.93 35.41
CA VAL A 76 -1.93 -23.58 35.59
C VAL A 76 -1.98 -22.94 34.19
N GLY A 77 -0.89 -23.11 33.44
CA GLY A 77 -0.78 -22.56 32.08
C GLY A 77 -1.93 -22.98 31.17
N SER A 78 -2.47 -24.17 31.40
CA SER A 78 -3.58 -24.64 30.59
C SER A 78 -4.86 -23.88 30.93
N ILE A 79 -5.21 -23.82 32.22
CA ILE A 79 -6.44 -23.13 32.64
C ILE A 79 -6.33 -21.63 32.41
N THR A 80 -5.10 -21.14 32.37
CA THR A 80 -4.90 -19.73 32.16
C THR A 80 -4.64 -19.33 30.68
N ASN A 81 -4.52 -20.33 29.78
CA ASN A 81 -4.27 -20.09 28.34
C ASN A 81 -2.94 -19.32 28.16
N THR A 82 -1.90 -19.84 28.81
CA THR A 82 -0.58 -19.23 28.78
C THR A 82 0.51 -20.28 28.54
N ASN A 83 0.18 -21.33 27.82
CA ASN A 83 1.19 -22.36 27.55
C ASN A 83 2.02 -21.94 26.35
N PHE A 84 2.78 -20.87 26.57
CA PHE A 84 3.65 -20.26 25.57
C PHE A 84 4.94 -21.01 25.27
N GLY A 85 5.47 -20.81 24.06
CA GLY A 85 6.70 -21.44 23.63
C GLY A 85 7.12 -20.80 22.32
N ILE A 86 8.06 -21.41 21.60
CA ILE A 86 8.51 -20.88 20.30
C ILE A 86 8.41 -22.00 19.29
N CYS A 87 8.07 -21.66 18.05
CA CYS A 87 7.94 -22.65 17.00
C CYS A 87 9.26 -23.27 16.53
N HIS A 88 9.43 -24.56 16.78
CA HIS A 88 10.66 -25.24 16.38
C HIS A 88 10.47 -26.42 15.47
N ASN A 89 11.42 -26.63 14.56
CA ASN A 89 11.36 -27.76 13.65
C ASN A 89 11.75 -28.94 14.49
N VAL A 90 10.75 -29.79 14.73
CA VAL A 90 10.85 -31.02 15.51
C VAL A 90 11.04 -30.77 17.00
N LYS B 1 -19.34 32.61 -19.16
CA LYS B 1 -19.41 33.44 -17.93
C LYS B 1 -18.00 33.47 -17.34
N GLU B 2 -17.65 34.58 -16.71
CA GLU B 2 -16.33 34.73 -16.15
C GLU B 2 -16.37 35.57 -14.88
N VAL B 3 -15.67 35.08 -13.88
CA VAL B 3 -15.60 35.72 -12.58
C VAL B 3 -14.10 35.82 -12.29
N CYS B 4 -13.65 37.01 -11.89
CA CYS B 4 -12.22 37.22 -11.65
C CYS B 4 -11.95 37.58 -10.22
N TYR B 5 -10.76 37.20 -9.74
CA TYR B 5 -10.34 37.48 -8.37
C TYR B 5 -8.92 38.01 -8.28
N GLU B 6 -8.68 38.86 -7.30
CA GLU B 6 -7.36 39.40 -7.09
C GLU B 6 -6.47 38.22 -6.74
N ARG B 7 -5.19 38.31 -7.07
CA ARG B 7 -4.24 37.23 -6.78
C ARG B 7 -4.39 35.97 -7.67
N LEU B 8 -5.61 35.50 -7.83
CA LEU B 8 -5.82 34.27 -8.58
C LEU B 8 -6.16 34.37 -10.03
N GLY B 9 -6.67 35.52 -10.47
CA GLY B 9 -7.00 35.63 -11.89
C GLY B 9 -8.45 35.30 -12.17
N CYS B 10 -8.77 35.06 -13.44
CA CYS B 10 -10.13 34.77 -13.79
C CYS B 10 -10.43 33.29 -13.88
N PHE B 11 -11.72 32.96 -13.83
CA PHE B 11 -12.12 31.58 -13.91
C PHE B 11 -13.37 31.65 -14.78
N SER B 12 -13.45 30.76 -15.77
CA SER B 12 -14.55 30.78 -16.69
C SER B 12 -15.20 29.41 -16.85
N ASP B 13 -16.48 29.41 -17.21
CA ASP B 13 -17.21 28.17 -17.43
C ASP B 13 -17.23 27.79 -18.92
N ASP B 14 -16.16 28.16 -19.63
CA ASP B 14 -16.00 27.83 -21.04
C ASP B 14 -15.50 26.41 -21.13
N SER B 15 -15.69 25.81 -22.30
CA SER B 15 -15.26 24.45 -22.55
C SER B 15 -13.73 24.53 -22.52
N PRO B 16 -13.06 23.49 -22.00
CA PRO B 16 -13.69 22.28 -21.47
C PRO B 16 -14.09 22.25 -19.96
N TRP B 17 -13.93 23.37 -19.26
CA TRP B 17 -14.28 23.42 -17.83
C TRP B 17 -15.71 22.97 -17.56
N SER B 18 -16.62 23.28 -18.49
CA SER B 18 -18.06 22.92 -18.46
C SER B 18 -18.44 22.67 -19.91
N GLY B 19 -19.66 22.18 -20.11
CA GLY B 19 -20.15 21.94 -21.45
C GLY B 19 -19.42 20.88 -22.29
N ILE B 20 -19.41 19.66 -21.74
CA ILE B 20 -18.84 18.46 -22.36
C ILE B 20 -19.50 17.26 -21.68
N THR B 21 -19.37 16.10 -22.29
CA THR B 21 -19.96 14.88 -21.74
C THR B 21 -19.58 14.62 -20.27
N GLU B 22 -18.31 14.80 -19.92
CA GLU B 22 -17.86 14.55 -18.56
C GLU B 22 -18.16 15.64 -17.53
N ARG B 23 -18.41 16.85 -18.01
CA ARG B 23 -18.73 17.99 -17.13
C ARG B 23 -19.67 18.90 -17.92
N PRO B 24 -20.98 18.61 -17.85
CA PRO B 24 -22.09 19.31 -18.51
C PRO B 24 -22.46 20.62 -17.82
N LEU B 25 -22.66 20.53 -16.50
CA LEU B 25 -23.06 21.67 -15.68
C LEU B 25 -22.09 22.81 -15.83
N HIS B 26 -22.62 24.03 -15.83
CA HIS B 26 -21.82 25.23 -15.95
C HIS B 26 -21.59 25.80 -14.57
N ILE B 27 -20.66 25.19 -13.86
CA ILE B 27 -20.42 25.62 -12.50
C ILE B 27 -19.14 26.41 -12.39
N LEU B 28 -19.19 27.46 -11.60
CA LEU B 28 -18.01 28.29 -11.39
C LEU B 28 -17.56 27.99 -9.95
N PRO B 29 -16.25 28.08 -9.70
CA PRO B 29 -15.79 27.80 -8.34
C PRO B 29 -16.19 28.91 -7.39
N TRP B 30 -16.32 28.57 -6.10
CA TRP B 30 -16.65 29.57 -5.08
C TRP B 30 -15.57 30.60 -4.93
N SER B 31 -15.86 31.61 -4.12
CA SER B 31 -14.91 32.66 -3.91
C SER B 31 -13.75 32.14 -3.07
N PRO B 32 -12.55 32.74 -3.25
CA PRO B 32 -11.34 32.38 -2.52
C PRO B 32 -11.64 32.45 -1.02
N LYS B 33 -12.43 33.45 -0.64
CA LYS B 33 -12.81 33.66 0.74
C LYS B 33 -13.60 32.48 1.30
N ASP B 34 -14.49 31.93 0.48
CA ASP B 34 -15.30 30.79 0.89
C ASP B 34 -14.53 29.49 0.92
N VAL B 35 -13.76 29.20 -0.13
CA VAL B 35 -12.99 27.96 -0.18
C VAL B 35 -12.07 28.01 1.02
N ASN B 36 -11.49 29.18 1.25
CA ASN B 36 -10.64 29.42 2.40
C ASN B 36 -9.51 28.42 2.57
N THR B 37 -8.62 28.43 1.58
CA THR B 37 -7.46 27.57 1.52
C THR B 37 -6.49 28.06 2.60
N ARG B 38 -6.04 27.15 3.46
CA ARG B 38 -5.12 27.51 4.51
C ARG B 38 -3.88 26.62 4.41
N PHE B 39 -2.72 27.18 4.72
CA PHE B 39 -1.47 26.43 4.67
C PHE B 39 -1.00 26.19 6.11
N LEU B 40 -0.99 24.92 6.50
CA LEU B 40 -0.60 24.55 7.85
C LEU B 40 0.78 23.86 7.78
N LEU B 41 1.80 24.54 8.32
CA LEU B 41 3.18 24.03 8.31
C LEU B 41 3.62 23.20 9.52
N TYR B 42 4.31 22.12 9.21
CA TYR B 42 4.88 21.20 10.20
C TYR B 42 6.32 21.09 9.77
N THR B 43 7.22 20.88 10.73
CA THR B 43 8.63 20.74 10.39
C THR B 43 9.28 19.83 11.41
N ASN B 44 10.55 19.53 11.18
CA ASN B 44 11.28 18.70 12.10
C ASN B 44 11.38 19.51 13.38
N GLU B 45 11.42 20.83 13.24
CA GLU B 45 11.49 21.72 14.40
C GLU B 45 10.16 21.75 15.12
N ASN B 46 9.06 21.66 14.37
CA ASN B 46 7.72 21.64 14.95
C ASN B 46 6.86 20.50 14.37
N PRO B 47 7.17 19.25 14.77
CA PRO B 47 6.49 18.02 14.33
C PRO B 47 5.08 17.76 14.81
N ASN B 48 4.64 18.43 15.86
CA ASN B 48 3.28 18.18 16.37
C ASN B 48 2.35 19.37 16.36
N ASN B 49 2.89 20.56 16.14
CA ASN B 49 2.08 21.77 16.11
C ASN B 49 2.22 22.50 14.79
N PHE B 50 1.10 22.78 14.12
CA PHE B 50 1.21 23.47 12.86
C PHE B 50 1.27 24.99 12.97
N GLN B 51 2.13 25.62 12.18
CA GLN B 51 2.21 27.06 12.13
C GLN B 51 1.46 27.41 10.85
N GLU B 52 0.34 28.09 10.97
CA GLU B 52 -0.42 28.49 9.80
C GLU B 52 0.32 29.64 9.13
N VAL B 53 0.82 29.41 7.91
CA VAL B 53 1.57 30.40 7.15
C VAL B 53 0.73 30.85 5.94
N ALA B 54 1.26 31.78 5.15
CA ALA B 54 0.57 32.28 3.98
C ALA B 54 1.59 32.95 3.08
N ALA B 55 1.21 33.19 1.84
CA ALA B 55 2.13 33.81 0.88
C ALA B 55 2.46 35.29 1.18
N ASP B 56 3.20 35.51 2.27
CA ASP B 56 3.62 36.85 2.67
C ASP B 56 4.88 36.71 3.52
N SER B 57 5.90 37.48 3.17
CA SER B 57 7.20 37.48 3.84
C SER B 57 7.15 37.38 5.37
N SER B 58 6.25 38.11 6.02
CA SER B 58 6.18 38.04 7.48
C SER B 58 5.86 36.62 7.97
N SER B 59 5.01 35.93 7.22
CA SER B 59 4.62 34.59 7.59
C SER B 59 5.79 33.65 7.47
N ILE B 60 6.28 33.49 6.26
CA ILE B 60 7.40 32.59 6.00
C ILE B 60 8.53 32.90 6.97
N SER B 61 8.82 34.19 7.14
CA SER B 61 9.89 34.67 8.02
C SER B 61 9.67 34.36 9.51
N GLY B 62 8.50 34.69 10.03
CA GLY B 62 8.25 34.41 11.42
C GLY B 62 8.26 32.94 11.74
N SER B 63 7.86 32.12 10.77
CA SER B 63 7.76 30.66 10.91
C SER B 63 9.05 29.84 10.80
N ASN B 64 8.88 28.50 10.92
CA ASN B 64 9.95 27.49 10.85
C ASN B 64 10.35 27.08 9.43
N PHE B 65 9.69 27.66 8.44
CA PHE B 65 10.01 27.36 7.05
C PHE B 65 11.48 27.65 6.77
N LYS B 66 12.22 26.62 6.34
CA LYS B 66 13.61 26.79 5.99
C LYS B 66 13.72 26.64 4.49
N THR B 67 14.31 27.64 3.88
CA THR B 67 14.45 27.71 2.45
C THR B 67 15.53 26.78 1.86
N ASN B 68 16.20 26.00 2.70
CA ASN B 68 17.28 25.13 2.23
C ASN B 68 16.89 23.66 2.18
N ARG B 69 15.60 23.36 2.22
CA ARG B 69 15.17 21.98 2.18
C ARG B 69 13.91 21.86 1.35
N LYS B 70 13.64 20.65 0.89
CA LYS B 70 12.45 20.40 0.07
C LYS B 70 11.17 20.85 0.79
N THR B 71 10.13 21.09 0.01
CA THR B 71 8.84 21.45 0.57
C THR B 71 7.82 20.51 -0.05
N ARG B 72 7.00 19.91 0.79
CA ARG B 72 5.99 18.99 0.31
C ARG B 72 4.63 19.44 0.81
N PHE B 73 3.71 19.66 -0.13
CA PHE B 73 2.35 20.09 0.18
C PHE B 73 1.51 18.83 0.11
N ILE B 74 0.47 18.74 0.94
CA ILE B 74 -0.43 17.58 0.92
C ILE B 74 -1.83 18.16 0.84
N ILE B 75 -2.55 17.84 -0.23
CA ILE B 75 -3.90 18.38 -0.46
C ILE B 75 -4.89 17.25 -0.37
N HIS B 76 -5.91 17.42 0.45
CA HIS B 76 -6.92 16.35 0.64
C HIS B 76 -7.99 16.40 -0.42
N GLY B 77 -8.97 15.54 -0.28
CA GLY B 77 -10.05 15.55 -1.23
C GLY B 77 -11.36 16.01 -0.62
N PHE B 78 -12.43 15.53 -1.23
CA PHE B 78 -13.79 15.78 -0.88
C PHE B 78 -14.09 15.36 0.56
N ILE B 79 -14.90 16.17 1.24
CA ILE B 79 -15.32 16.00 2.62
C ILE B 79 -14.26 16.12 3.70
N ASP B 80 -12.99 15.89 3.36
CA ASP B 80 -11.90 15.97 4.33
C ASP B 80 -11.47 17.39 4.64
N LYS B 81 -10.53 17.49 5.59
CA LYS B 81 -9.93 18.74 6.01
C LYS B 81 -8.40 18.51 6.19
N GLY B 82 -7.62 19.58 6.13
CA GLY B 82 -6.18 19.45 6.25
C GLY B 82 -5.75 19.01 7.62
N GLU B 83 -6.67 19.04 8.59
CA GLU B 83 -6.35 18.63 9.94
C GLU B 83 -6.60 17.16 10.16
N GLU B 84 -7.06 16.46 9.13
CA GLU B 84 -7.26 15.02 9.26
C GLU B 84 -5.95 14.38 9.70
N ASN B 85 -6.00 13.40 10.59
CA ASN B 85 -4.78 12.77 11.05
C ASN B 85 -3.91 12.16 9.96
N TRP B 86 -4.52 11.59 8.93
CA TRP B 86 -3.73 10.98 7.88
C TRP B 86 -2.74 11.96 7.27
N LEU B 87 -3.12 13.23 7.13
CA LEU B 87 -2.21 14.20 6.52
C LEU B 87 -0.99 14.40 7.39
N ALA B 88 -1.16 14.90 8.61
CA ALA B 88 -0.02 15.10 9.52
C ALA B 88 0.76 13.80 9.74
N ASN B 89 0.07 12.69 9.62
CA ASN B 89 0.63 11.36 9.77
C ASN B 89 1.71 11.09 8.73
N VAL B 90 1.57 11.74 7.57
CA VAL B 90 2.57 11.66 6.49
C VAL B 90 3.82 12.47 6.84
N CYS B 91 3.63 13.71 7.30
CA CYS B 91 4.76 14.55 7.69
C CYS B 91 5.59 13.87 8.77
N LYS B 92 4.89 13.32 9.75
CA LYS B 92 5.56 12.67 10.85
C LYS B 92 6.43 11.52 10.43
N ASN B 93 6.04 10.83 9.36
CA ASN B 93 6.86 9.73 8.88
C ASN B 93 8.03 10.29 8.07
N LEU B 94 7.81 11.45 7.45
CA LEU B 94 8.82 12.14 6.65
C LEU B 94 9.90 12.62 7.60
N PHE B 95 9.50 13.03 8.80
CA PHE B 95 10.45 13.51 9.79
C PHE B 95 11.34 12.40 10.26
N LYS B 96 10.97 11.17 10.00
CA LYS B 96 11.76 10.00 10.38
C LYS B 96 12.92 9.76 9.39
N VAL B 97 12.94 10.43 8.24
CA VAL B 97 13.97 10.16 7.24
C VAL B 97 14.54 11.37 6.54
N GLU B 98 14.00 12.55 6.81
CA GLU B 98 14.53 13.76 6.16
C GLU B 98 14.15 15.06 6.90
N SER B 99 14.81 16.16 6.52
CA SER B 99 14.50 17.46 7.10
C SER B 99 13.63 18.05 6.00
N VAL B 100 12.47 18.57 6.37
CA VAL B 100 11.54 19.08 5.36
C VAL B 100 10.47 20.03 5.89
N ASN B 101 9.96 20.86 4.99
CA ASN B 101 8.89 21.80 5.31
C ASN B 101 7.67 21.04 4.85
N CYS B 102 6.87 20.55 5.80
CA CYS B 102 5.67 19.80 5.46
C CYS B 102 4.47 20.71 5.59
N ILE B 103 3.77 20.89 4.48
CA ILE B 103 2.64 21.77 4.42
C ILE B 103 1.34 21.04 4.07
N CYS B 104 0.38 21.08 4.99
CA CYS B 104 -0.92 20.46 4.78
C CYS B 104 -1.87 21.53 4.25
N VAL B 105 -2.46 21.29 3.09
CA VAL B 105 -3.37 22.28 2.53
C VAL B 105 -4.83 21.96 2.88
N ASP B 106 -5.40 22.83 3.71
CA ASP B 106 -6.77 22.66 4.10
C ASP B 106 -7.64 23.55 3.25
N TRP B 107 -8.76 22.98 2.80
CA TRP B 107 -9.77 23.69 2.04
C TRP B 107 -11.18 23.11 2.34
N LYS B 108 -11.42 22.75 3.61
CA LYS B 108 -12.74 22.23 4.01
C LYS B 108 -13.86 23.27 3.77
N GLY B 109 -13.49 24.54 3.63
CA GLY B 109 -14.46 25.57 3.34
C GLY B 109 -15.08 25.30 1.98
N GLY B 110 -14.35 24.61 1.12
CA GLY B 110 -14.89 24.30 -0.17
C GLY B 110 -15.10 22.81 -0.46
N SER B 111 -14.64 21.91 0.42
CA SER B 111 -14.75 20.45 0.17
C SER B 111 -15.99 19.77 0.73
N ARG B 112 -16.58 20.38 1.75
CA ARG B 112 -17.77 19.86 2.43
C ARG B 112 -19.07 20.44 1.84
N THR B 113 -19.24 20.26 0.54
CA THR B 113 -20.40 20.73 -0.23
C THR B 113 -20.76 19.70 -1.32
N GLY B 114 -21.60 20.09 -2.27
CA GLY B 114 -21.94 19.19 -3.36
C GLY B 114 -20.69 18.89 -4.15
N TYR B 115 -20.54 17.65 -4.59
CA TYR B 115 -19.37 17.20 -5.36
C TYR B 115 -19.07 18.00 -6.63
N THR B 116 -20.08 18.29 -7.44
CA THR B 116 -19.89 19.06 -8.64
C THR B 116 -19.27 20.41 -8.29
N GLN B 117 -19.65 20.97 -7.14
CA GLN B 117 -19.12 22.26 -6.65
C GLN B 117 -17.72 22.10 -6.05
N ALA B 118 -17.45 20.93 -5.46
CA ALA B 118 -16.14 20.62 -4.88
C ALA B 118 -15.15 20.48 -6.03
N SER B 119 -15.61 19.86 -7.13
CA SER B 119 -14.79 19.66 -8.33
C SER B 119 -14.35 20.98 -8.94
N GLN B 120 -15.21 21.99 -8.88
CA GLN B 120 -14.88 23.28 -9.40
C GLN B 120 -13.99 23.98 -8.37
N ASN B 121 -14.32 23.85 -7.08
CA ASN B 121 -13.52 24.50 -6.03
C ASN B 121 -12.04 24.15 -6.08
N ILE B 122 -11.79 23.04 -6.76
CA ILE B 122 -10.45 22.49 -6.99
C ILE B 122 -9.53 23.52 -7.70
N ARG B 123 -10.10 24.32 -8.59
CA ARG B 123 -9.29 25.31 -9.32
C ARG B 123 -8.85 26.52 -8.52
N ILE B 124 -9.56 26.82 -7.45
CA ILE B 124 -9.19 27.94 -6.59
C ILE B 124 -8.00 27.44 -5.76
N VAL B 125 -8.10 26.21 -5.26
CA VAL B 125 -7.06 25.58 -4.46
C VAL B 125 -5.79 25.43 -5.26
N GLY B 126 -5.89 24.97 -6.51
CA GLY B 126 -4.70 24.86 -7.34
C GLY B 126 -4.08 26.25 -7.48
N ALA B 127 -4.93 27.21 -7.80
CA ALA B 127 -4.54 28.60 -7.94
C ALA B 127 -3.85 29.06 -6.66
N GLU B 128 -4.45 28.81 -5.51
CA GLU B 128 -3.84 29.21 -4.24
C GLU B 128 -2.44 28.64 -4.06
N VAL B 129 -2.24 27.39 -4.45
CA VAL B 129 -0.93 26.73 -4.31
C VAL B 129 0.13 27.23 -5.31
N ALA B 130 -0.27 27.53 -6.54
CA ALA B 130 0.67 28.06 -7.55
C ALA B 130 1.09 29.49 -7.17
N TYR B 131 0.15 30.21 -6.56
CA TYR B 131 0.39 31.56 -6.09
C TYR B 131 1.47 31.48 -5.00
N PHE B 132 1.28 30.59 -4.04
CA PHE B 132 2.21 30.36 -2.93
C PHE B 132 3.60 29.91 -3.44
N VAL B 133 3.64 29.07 -4.48
CA VAL B 133 4.90 28.58 -5.06
C VAL B 133 5.63 29.71 -5.80
N GLU B 134 4.91 30.44 -6.64
CA GLU B 134 5.53 31.53 -7.37
C GLU B 134 6.02 32.57 -6.36
N PHE B 135 5.29 32.70 -5.24
CA PHE B 135 5.69 33.65 -4.21
C PHE B 135 7.03 33.27 -3.64
N LEU B 136 7.19 31.99 -3.27
CA LEU B 136 8.45 31.48 -2.70
C LEU B 136 9.59 31.65 -3.71
N GLN B 137 9.27 31.63 -4.99
CA GLN B 137 10.28 31.81 -6.00
C GLN B 137 10.73 33.27 -6.03
N SER B 138 9.76 34.17 -6.21
CA SER B 138 10.05 35.60 -6.28
C SER B 138 10.63 36.20 -5.00
N ALA B 139 9.99 35.90 -3.87
CA ALA B 139 10.40 36.44 -2.59
C ALA B 139 11.72 35.90 -2.04
N PHE B 140 11.95 34.60 -2.16
CA PHE B 140 13.15 33.98 -1.62
C PHE B 140 14.09 33.33 -2.62
N GLY B 141 13.76 33.46 -3.90
CA GLY B 141 14.59 32.84 -4.91
C GLY B 141 14.52 31.34 -4.79
N TYR B 142 13.48 30.85 -4.13
CA TYR B 142 13.27 29.41 -3.94
C TYR B 142 12.73 28.78 -5.24
N SER B 143 13.42 27.75 -5.72
CA SER B 143 13.04 27.07 -6.94
C SER B 143 11.86 26.10 -6.81
N PRO B 144 10.90 26.18 -7.73
CA PRO B 144 9.78 25.27 -7.64
C PRO B 144 10.20 23.82 -7.91
N SER B 145 11.47 23.58 -8.19
CA SER B 145 11.91 22.20 -8.39
C SER B 145 12.11 21.53 -7.02
N ASN B 146 12.14 22.32 -5.95
CA ASN B 146 12.29 21.80 -4.58
C ASN B 146 10.93 21.44 -4.05
N VAL B 147 9.93 21.73 -4.87
CA VAL B 147 8.56 21.54 -4.51
C VAL B 147 7.99 20.24 -4.97
N HIS B 148 7.29 19.60 -4.02
CA HIS B 148 6.57 18.35 -4.21
C HIS B 148 5.16 18.54 -3.63
N VAL B 149 4.17 18.32 -4.49
CA VAL B 149 2.78 18.39 -4.11
C VAL B 149 2.18 16.98 -4.18
N ILE B 150 1.58 16.55 -3.08
CA ILE B 150 0.95 15.24 -2.97
C ILE B 150 -0.53 15.58 -2.86
N GLY B 151 -1.36 14.92 -3.66
CA GLY B 151 -2.80 15.20 -3.63
C GLY B 151 -3.65 13.95 -3.70
N HIS B 152 -4.59 13.83 -2.79
CA HIS B 152 -5.46 12.67 -2.74
C HIS B 152 -6.81 12.98 -3.35
N SER B 153 -7.26 12.14 -4.27
CA SER B 153 -8.56 12.30 -4.93
C SER B 153 -8.65 13.64 -5.66
N LEU B 154 -9.57 14.50 -5.22
CA LEU B 154 -9.79 15.82 -5.82
C LEU B 154 -8.48 16.63 -5.73
N GLY B 155 -7.77 16.40 -4.63
CA GLY B 155 -6.50 17.06 -4.41
C GLY B 155 -5.46 16.71 -5.45
N ALA B 156 -5.62 15.58 -6.15
CA ALA B 156 -4.67 15.17 -7.18
C ALA B 156 -4.82 16.07 -8.36
N HIS B 157 -6.05 16.53 -8.58
CA HIS B 157 -6.32 17.44 -9.68
C HIS B 157 -6.04 18.89 -9.31
N ALA B 158 -6.18 19.22 -8.03
CA ALA B 158 -5.89 20.57 -7.55
C ALA B 158 -4.35 20.73 -7.69
N ALA B 159 -3.63 19.65 -7.41
CA ALA B 159 -2.16 19.60 -7.56
C ALA B 159 -1.78 19.76 -9.04
N GLY B 160 -2.61 19.21 -9.93
CA GLY B 160 -2.38 19.34 -11.35
C GLY B 160 -2.74 20.72 -11.86
N GLU B 161 -3.65 21.39 -11.17
CA GLU B 161 -4.06 22.74 -11.54
C GLU B 161 -2.94 23.71 -11.12
N ALA B 162 -2.34 23.42 -9.96
CA ALA B 162 -1.24 24.19 -9.42
C ALA B 162 0.03 24.03 -10.27
N GLY B 163 0.11 22.91 -11.00
CA GLY B 163 1.27 22.67 -11.87
C GLY B 163 1.09 23.31 -13.24
N ARG B 164 -0.16 23.38 -13.68
CA ARG B 164 -0.47 24.00 -14.95
C ARG B 164 0.01 25.45 -14.87
N ARG B 165 -0.48 26.13 -13.84
CA ARG B 165 -0.19 27.52 -13.58
C ARG B 165 1.31 27.85 -13.32
N THR B 166 2.11 26.84 -12.98
CA THR B 166 3.52 27.09 -12.80
C THR B 166 4.25 26.52 -14.00
N ASN B 167 3.51 26.22 -15.07
CA ASN B 167 4.08 25.69 -16.31
C ASN B 167 4.99 24.49 -16.13
N GLY B 168 4.53 23.50 -15.38
CA GLY B 168 5.30 22.27 -15.16
C GLY B 168 6.70 22.41 -14.58
N THR B 169 6.96 23.49 -13.84
CA THR B 169 8.26 23.71 -13.24
C THR B 169 8.39 23.11 -11.83
N ILE B 170 7.26 22.79 -11.19
CA ILE B 170 7.28 22.14 -9.88
C ILE B 170 8.00 20.75 -10.02
N GLY B 171 8.80 20.39 -9.02
CA GLY B 171 9.54 19.12 -9.03
C GLY B 171 8.70 17.89 -9.34
N ARG B 172 7.71 17.62 -8.50
CA ARG B 172 6.80 16.52 -8.75
C ARG B 172 5.47 16.57 -8.06
N ILE B 173 4.56 15.82 -8.64
CA ILE B 173 3.21 15.71 -8.12
C ILE B 173 3.01 14.21 -8.00
N THR B 174 2.27 13.84 -6.96
CA THR B 174 1.94 12.47 -6.71
C THR B 174 0.45 12.46 -6.60
N GLY B 175 -0.21 11.81 -7.54
CA GLY B 175 -1.66 11.72 -7.45
C GLY B 175 -2.00 10.43 -6.71
N LEU B 176 -2.66 10.55 -5.55
CA LEU B 176 -3.08 9.38 -4.75
C LEU B 176 -4.55 9.12 -5.07
N ASP B 177 -4.78 8.13 -5.92
CA ASP B 177 -6.10 7.76 -6.44
C ASP B 177 -6.91 8.96 -6.90
N PRO B 178 -6.48 9.60 -7.99
CA PRO B 178 -7.14 10.76 -8.59
C PRO B 178 -8.60 10.45 -8.76
N ALA B 179 -9.47 11.37 -8.37
CA ALA B 179 -10.91 11.16 -8.52
C ALA B 179 -11.23 10.89 -9.98
N GLU B 180 -12.20 10.04 -10.26
CA GLU B 180 -12.63 9.73 -11.63
C GLU B 180 -13.72 10.68 -12.22
N PRO B 181 -14.92 10.78 -11.58
CA PRO B 181 -16.03 11.62 -12.07
C PRO B 181 -15.60 13.06 -12.34
N CYS B 182 -16.01 13.57 -13.49
CA CYS B 182 -15.69 14.93 -13.91
C CYS B 182 -14.23 15.10 -14.33
N PHE B 183 -13.47 14.01 -14.43
CA PHE B 183 -12.09 14.14 -14.86
C PHE B 183 -11.62 13.06 -15.82
N GLN B 184 -12.09 11.83 -15.66
CA GLN B 184 -11.59 10.80 -16.56
C GLN B 184 -12.06 11.04 -17.98
N GLY B 185 -11.14 10.97 -18.93
CA GLY B 185 -11.47 11.18 -20.34
C GLY B 185 -11.54 12.63 -20.79
N THR B 186 -11.48 13.55 -19.87
CA THR B 186 -11.53 14.96 -20.21
C THR B 186 -10.13 15.44 -20.67
N PRO B 187 -10.01 16.70 -21.09
CA PRO B 187 -8.69 17.19 -21.52
C PRO B 187 -7.70 17.48 -20.38
N GLU B 188 -6.42 17.46 -20.67
CA GLU B 188 -5.39 17.69 -19.64
C GLU B 188 -5.48 19.01 -18.90
N LEU B 189 -6.12 20.00 -19.52
CA LEU B 189 -6.28 21.33 -18.93
C LEU B 189 -7.01 21.23 -17.62
N VAL B 190 -8.00 20.37 -17.64
CA VAL B 190 -8.92 20.11 -16.56
C VAL B 190 -8.53 19.04 -15.50
N ARG B 191 -7.44 18.31 -15.73
CA ARG B 191 -7.00 17.24 -14.81
C ARG B 191 -5.48 17.07 -14.78
N LEU B 192 -5.05 16.17 -13.90
CA LEU B 192 -3.65 15.83 -13.74
C LEU B 192 -3.26 15.10 -15.01
N ASP B 193 -2.02 15.30 -15.46
CA ASP B 193 -1.44 14.64 -16.63
C ASP B 193 0.03 14.89 -16.45
N PRO B 194 0.88 14.10 -17.10
CA PRO B 194 2.35 14.23 -16.98
C PRO B 194 2.95 15.63 -17.14
N SER B 195 2.31 16.48 -17.96
CA SER B 195 2.83 17.83 -18.22
C SER B 195 2.76 18.87 -17.09
N ASP B 196 1.99 18.61 -16.04
CA ASP B 196 1.85 19.56 -14.93
C ASP B 196 3.07 19.67 -14.03
N ALA B 197 3.97 18.70 -14.05
CA ALA B 197 5.13 18.73 -13.18
C ALA B 197 6.33 18.15 -13.92
N LYS B 198 7.52 18.41 -13.42
CA LYS B 198 8.72 17.87 -14.03
C LYS B 198 8.65 16.32 -14.03
N PHE B 199 7.91 15.77 -13.08
CA PHE B 199 7.74 14.34 -12.91
C PHE B 199 6.40 14.15 -12.17
N VAL B 200 5.56 13.25 -12.66
CA VAL B 200 4.28 12.96 -12.04
C VAL B 200 4.16 11.45 -11.84
N ASP B 201 4.05 10.99 -10.59
CA ASP B 201 3.88 9.54 -10.32
C ASP B 201 2.50 9.32 -9.68
N VAL B 202 1.78 8.27 -10.10
CA VAL B 202 0.44 8.02 -9.55
C VAL B 202 0.15 6.62 -9.00
N ILE B 203 -0.47 6.54 -7.83
CA ILE B 203 -0.87 5.26 -7.21
C ILE B 203 -2.40 5.05 -7.41
N HIS B 204 -2.76 4.04 -8.20
CA HIS B 204 -4.15 3.67 -8.50
C HIS B 204 -4.67 2.55 -7.55
N THR B 205 -5.66 2.85 -6.71
CA THR B 205 -6.16 1.83 -5.77
C THR B 205 -7.69 1.55 -5.80
N ASP B 206 -8.42 2.33 -6.58
CA ASP B 206 -9.87 2.16 -6.63
C ASP B 206 -10.39 2.52 -8.03
N GLY B 207 -9.80 1.89 -9.04
CA GLY B 207 -10.13 2.15 -10.41
C GLY B 207 -11.37 1.53 -11.03
N ALA B 208 -12.24 0.91 -10.24
CA ALA B 208 -13.45 0.34 -10.85
C ALA B 208 -14.36 1.49 -11.29
N PRO B 209 -15.09 1.31 -12.42
CA PRO B 209 -15.99 2.38 -12.89
C PRO B 209 -16.84 2.97 -11.78
N ILE B 210 -17.04 4.29 -11.83
CA ILE B 210 -17.87 4.94 -10.80
C ILE B 210 -19.28 4.33 -10.86
N VAL B 211 -19.76 4.01 -12.08
CA VAL B 211 -21.06 3.38 -12.26
C VAL B 211 -20.92 2.11 -13.11
N PRO B 212 -21.43 0.97 -12.61
CA PRO B 212 -22.12 0.82 -11.32
C PRO B 212 -21.24 0.51 -10.12
N ASN B 213 -19.98 0.16 -10.37
CA ASN B 213 -19.05 -0.23 -9.31
C ASN B 213 -18.72 0.77 -8.23
N LEU B 214 -18.93 2.05 -8.47
CA LEU B 214 -18.63 3.03 -7.44
C LEU B 214 -17.13 3.14 -7.10
N GLY B 215 -16.29 2.94 -8.10
CA GLY B 215 -14.87 3.10 -7.87
C GLY B 215 -14.57 4.58 -7.99
N PHE B 216 -14.17 5.18 -6.88
CA PHE B 216 -13.88 6.60 -6.81
C PHE B 216 -12.71 7.11 -7.60
N GLY B 217 -11.73 6.25 -7.86
CA GLY B 217 -10.52 6.67 -8.56
C GLY B 217 -10.47 6.26 -10.01
N MET B 218 -9.55 6.85 -10.76
CA MET B 218 -9.44 6.55 -12.17
C MET B 218 -8.58 5.37 -12.61
N SER B 219 -8.95 4.78 -13.73
CA SER B 219 -8.22 3.66 -14.28
C SER B 219 -7.30 4.22 -15.35
N GLN B 220 -7.68 5.37 -15.90
CA GLN B 220 -6.92 6.04 -16.93
C GLN B 220 -5.57 6.41 -16.36
N VAL B 221 -4.53 6.19 -17.18
CA VAL B 221 -3.14 6.45 -16.84
C VAL B 221 -2.89 7.98 -16.96
N VAL B 222 -2.43 8.61 -15.87
CA VAL B 222 -2.22 10.07 -15.85
C VAL B 222 -0.88 10.64 -15.49
N GLY B 223 0.15 9.82 -15.36
CA GLY B 223 1.43 10.39 -15.06
C GLY B 223 2.53 9.77 -15.90
N HIS B 224 3.75 9.85 -15.37
CA HIS B 224 4.93 9.28 -15.97
C HIS B 224 4.94 7.84 -15.50
N LEU B 225 4.83 7.65 -14.20
CA LEU B 225 4.77 6.31 -13.68
C LEU B 225 3.40 6.13 -13.03
N ASP B 226 2.64 5.16 -13.50
CA ASP B 226 1.32 4.85 -12.95
C ASP B 226 1.41 3.44 -12.33
N PHE B 227 1.22 3.36 -11.02
CA PHE B 227 1.26 2.12 -10.24
C PHE B 227 -0.12 1.57 -9.96
N PHE B 228 -0.27 0.27 -10.08
CA PHE B 228 -1.56 -0.37 -9.80
C PHE B 228 -1.34 -1.51 -8.82
N PRO B 229 -1.14 -1.16 -7.52
CA PRO B 229 -0.91 -2.19 -6.51
C PRO B 229 -2.14 -3.06 -6.49
N ASN B 230 -1.92 -4.36 -6.27
CA ASN B 230 -2.98 -5.36 -6.20
C ASN B 230 -3.92 -5.33 -7.43
N GLY B 231 -3.46 -4.76 -8.52
CA GLY B 231 -4.31 -4.67 -9.70
C GLY B 231 -4.99 -3.32 -9.84
N GLY B 232 -5.00 -2.55 -8.74
CA GLY B 232 -5.62 -1.23 -8.71
C GLY B 232 -7.15 -1.14 -8.70
N VAL B 233 -7.83 -2.25 -8.39
CA VAL B 233 -9.29 -2.28 -8.37
C VAL B 233 -9.86 -2.70 -7.02
N GLU B 234 -9.32 -3.78 -6.44
CA GLU B 234 -9.80 -4.23 -5.14
C GLU B 234 -8.57 -4.45 -4.23
N MET B 235 -8.52 -3.78 -3.09
CA MET B 235 -7.38 -3.88 -2.19
C MET B 235 -7.57 -4.91 -1.08
N PRO B 236 -6.58 -5.80 -0.88
CA PRO B 236 -6.70 -6.81 0.17
C PRO B 236 -6.95 -6.21 1.56
N GLY B 237 -7.86 -6.83 2.29
CA GLY B 237 -8.22 -6.36 3.62
C GLY B 237 -9.37 -5.38 3.56
N CYS B 238 -9.81 -5.05 2.36
CA CYS B 238 -10.89 -4.12 2.25
C CYS B 238 -12.24 -4.80 2.36
N LYS B 239 -12.42 -5.93 1.68
CA LYS B 239 -13.71 -6.59 1.76
C LYS B 239 -14.04 -7.38 3.03
N LYS B 240 -13.74 -6.82 4.21
CA LYS B 240 -14.06 -7.51 5.45
C LYS B 240 -15.56 -7.24 5.69
N ASN B 241 -16.18 -7.99 6.59
CA ASN B 241 -17.60 -7.75 6.85
C ASN B 241 -17.73 -6.44 7.63
N ILE B 242 -18.91 -5.85 7.53
CA ILE B 242 -19.25 -4.56 8.10
C ILE B 242 -18.81 -4.27 9.54
N LEU B 243 -19.02 -5.23 10.42
CA LEU B 243 -18.67 -5.05 11.83
C LEU B 243 -17.16 -4.95 12.06
N SER B 244 -16.39 -5.69 11.24
CA SER B 244 -14.94 -5.76 11.30
C SER B 244 -14.27 -4.54 10.67
N GLN B 245 -14.84 -4.00 9.59
CA GLN B 245 -14.28 -2.81 8.96
C GLN B 245 -14.36 -1.65 9.93
N ILE B 246 -15.56 -1.48 10.50
CA ILE B 246 -15.83 -0.40 11.45
C ILE B 246 -15.08 -0.49 12.79
N VAL B 247 -14.96 -1.71 13.32
CA VAL B 247 -14.26 -1.99 14.58
C VAL B 247 -12.86 -2.54 14.25
N ASP B 248 -12.10 -1.79 13.47
CA ASP B 248 -10.76 -2.25 13.12
C ASP B 248 -9.74 -1.68 14.11
N ILE B 249 -8.57 -2.30 14.14
CA ILE B 249 -7.45 -1.95 15.02
C ILE B 249 -7.08 -0.48 15.24
N ASP B 250 -7.58 0.44 14.41
CA ASP B 250 -7.28 1.89 14.52
C ASP B 250 -8.38 2.77 15.11
N GLY B 251 -9.44 2.17 15.64
CA GLY B 251 -10.50 2.98 16.20
C GLY B 251 -11.66 3.11 15.23
N ILE B 252 -12.80 3.54 15.75
CA ILE B 252 -14.04 3.71 14.99
C ILE B 252 -13.86 4.62 13.78
N TRP B 253 -13.41 5.86 14.00
CA TRP B 253 -13.22 6.82 12.92
C TRP B 253 -12.47 6.27 11.70
N GLU B 254 -11.35 5.59 11.92
CA GLU B 254 -10.60 5.02 10.81
C GLU B 254 -11.47 3.95 10.14
N GLY B 255 -12.08 3.12 11.00
CA GLY B 255 -12.96 2.04 10.54
C GLY B 255 -14.12 2.51 9.67
N THR B 256 -14.76 3.57 10.13
CA THR B 256 -15.89 4.17 9.43
C THR B 256 -15.48 4.72 8.05
N ARG B 257 -14.36 5.42 8.02
CA ARG B 257 -13.83 5.97 6.77
C ARG B 257 -13.63 4.76 5.83
N ASP B 258 -13.04 3.69 6.36
CA ASP B 258 -12.78 2.48 5.57
C ASP B 258 -14.06 1.79 5.13
N PHE B 259 -15.10 1.87 5.95
CA PHE B 259 -16.35 1.25 5.55
C PHE B 259 -16.84 2.00 4.32
N ALA B 260 -16.64 3.31 4.33
CA ALA B 260 -17.06 4.15 3.24
C ALA B 260 -16.23 4.09 1.96
N ALA B 261 -14.91 3.93 2.09
CA ALA B 261 -14.03 3.96 0.92
C ALA B 261 -12.64 3.41 1.19
N CYS B 262 -12.60 2.15 1.60
CA CYS B 262 -11.36 1.45 1.93
C CYS B 262 -10.31 1.46 0.83
N ASN B 263 -10.68 0.98 -0.36
CA ASN B 263 -9.76 0.93 -1.50
C ASN B 263 -9.16 2.31 -1.75
N HIS B 264 -10.04 3.29 -1.87
CA HIS B 264 -9.67 4.68 -2.16
C HIS B 264 -8.65 5.24 -1.15
N LEU B 265 -8.88 4.96 0.11
CA LEU B 265 -7.98 5.47 1.12
C LEU B 265 -6.70 4.65 1.23
N ARG B 266 -6.61 3.52 0.54
CA ARG B 266 -5.41 2.69 0.64
C ARG B 266 -4.21 3.38 0.01
N SER B 267 -4.48 4.23 -0.98
CA SER B 267 -3.44 4.98 -1.69
C SER B 267 -2.57 5.84 -0.76
N TYR B 268 -3.16 6.55 0.19
CA TYR B 268 -2.32 7.33 1.09
C TYR B 268 -1.76 6.45 2.19
N LYS B 269 -2.45 5.34 2.48
CA LYS B 269 -1.97 4.42 3.50
C LYS B 269 -0.72 3.72 2.99
N TYR B 270 -0.71 3.42 1.69
CA TYR B 270 0.43 2.78 1.06
C TYR B 270 1.61 3.73 1.05
N TYR B 271 1.36 4.94 0.54
CA TYR B 271 2.37 5.98 0.46
C TYR B 271 3.04 6.26 1.79
N THR B 272 2.25 6.32 2.86
CA THR B 272 2.80 6.58 4.19
C THR B 272 3.80 5.46 4.56
N ASP B 273 3.45 4.20 4.35
CA ASP B 273 4.39 3.11 4.67
C ASP B 273 5.67 3.11 3.85
N SER B 274 5.56 3.34 2.53
CA SER B 274 6.74 3.36 1.66
C SER B 274 7.83 4.28 2.20
N ILE B 275 7.41 5.43 2.74
CA ILE B 275 8.35 6.41 3.30
C ILE B 275 9.38 5.72 4.20
N VAL B 276 8.93 4.81 5.06
CA VAL B 276 9.83 4.13 6.00
C VAL B 276 10.19 2.71 5.62
N ASN B 277 9.85 2.35 4.38
CA ASN B 277 10.14 1.03 3.82
C ASN B 277 10.59 1.30 2.38
N PRO B 278 11.78 1.87 2.19
CA PRO B 278 12.41 2.22 0.91
C PRO B 278 12.59 1.13 -0.18
N ASP B 279 12.56 -0.14 0.20
CA ASP B 279 12.65 -1.20 -0.82
C ASP B 279 11.40 -2.11 -0.82
N GLY B 280 10.49 -1.85 0.11
CA GLY B 280 9.27 -2.64 0.26
C GLY B 280 8.16 -2.54 -0.77
N PHE B 281 8.35 -1.72 -1.80
CA PHE B 281 7.28 -1.59 -2.78
C PHE B 281 7.72 -1.65 -4.23
N ALA B 282 8.60 -2.60 -4.55
CA ALA B 282 9.10 -2.77 -5.93
C ALA B 282 7.96 -3.03 -6.85
N GLY B 283 7.79 -2.14 -7.84
CA GLY B 283 6.73 -2.27 -8.83
C GLY B 283 7.33 -2.86 -10.08
N PHE B 284 6.60 -3.76 -10.74
CA PHE B 284 7.10 -4.44 -11.93
C PHE B 284 6.43 -4.02 -13.24
N PRO B 285 7.22 -3.65 -14.25
CA PRO B 285 6.64 -3.23 -15.53
C PRO B 285 6.03 -4.48 -16.15
N CYS B 286 4.84 -4.37 -16.73
CA CYS B 286 4.17 -5.54 -17.24
C CYS B 286 2.96 -5.14 -18.07
N ALA B 287 2.67 -5.92 -19.11
CA ALA B 287 1.53 -5.70 -20.04
C ALA B 287 0.23 -5.37 -19.34
N SER B 288 -0.07 -6.16 -18.31
CA SER B 288 -1.27 -5.99 -17.52
C SER B 288 -0.99 -6.73 -16.22
N TYR B 289 -1.97 -6.68 -15.31
CA TYR B 289 -1.89 -7.32 -14.00
C TYR B 289 -2.11 -8.83 -14.04
N ASN B 290 -2.84 -9.30 -15.04
CA ASN B 290 -3.07 -10.72 -15.14
C ASN B 290 -1.80 -11.40 -15.56
N VAL B 291 -1.08 -10.80 -16.50
CA VAL B 291 0.21 -11.34 -16.93
C VAL B 291 1.18 -11.38 -15.70
N PHE B 292 1.04 -10.41 -14.80
CA PHE B 292 1.88 -10.33 -13.58
C PHE B 292 1.60 -11.50 -12.64
N THR B 293 0.32 -11.72 -12.34
CA THR B 293 -0.07 -12.80 -11.45
C THR B 293 0.09 -14.17 -12.13
N ALA B 294 0.33 -14.14 -13.44
CA ALA B 294 0.55 -15.33 -14.25
C ALA B 294 2.05 -15.66 -14.22
N ASN B 295 2.79 -14.92 -13.38
CA ASN B 295 4.21 -15.13 -13.21
C ASN B 295 4.94 -14.93 -14.52
N LYS B 296 4.81 -13.73 -15.10
CA LYS B 296 5.46 -13.39 -16.37
C LYS B 296 6.15 -12.03 -16.36
N CYS B 297 6.29 -11.43 -15.18
CA CYS B 297 6.92 -10.13 -15.09
C CYS B 297 7.90 -10.02 -13.93
N PHE B 298 8.68 -11.09 -13.78
CA PHE B 298 9.67 -11.19 -12.71
C PHE B 298 10.97 -11.74 -13.31
N PRO B 299 12.12 -11.27 -12.83
CA PRO B 299 12.34 -10.27 -11.77
C PRO B 299 12.36 -8.82 -12.32
N CYS B 300 12.91 -7.88 -11.57
CA CYS B 300 13.00 -6.49 -12.02
C CYS B 300 13.86 -6.42 -13.29
N PRO B 301 13.59 -5.46 -14.17
CA PRO B 301 14.39 -5.35 -15.40
C PRO B 301 15.76 -4.79 -15.07
N SER B 302 16.64 -4.72 -16.07
CA SER B 302 17.97 -4.18 -15.87
C SER B 302 17.81 -2.73 -15.45
N GLY B 303 18.56 -2.32 -14.45
CA GLY B 303 18.44 -0.95 -13.98
C GLY B 303 17.49 -0.87 -12.80
N GLY B 304 16.64 -1.89 -12.68
CA GLY B 304 15.69 -1.99 -11.59
C GLY B 304 14.22 -1.75 -11.86
N CYS B 305 13.47 -1.76 -10.76
CA CYS B 305 12.03 -1.55 -10.68
C CYS B 305 11.84 -0.26 -9.93
N PRO B 306 10.78 0.50 -10.25
CA PRO B 306 10.60 1.72 -9.48
C PRO B 306 9.88 1.33 -8.17
N GLN B 307 10.17 2.08 -7.10
CA GLN B 307 9.52 1.85 -5.84
C GLN B 307 8.28 2.72 -5.92
N MET B 308 7.15 2.12 -5.61
CA MET B 308 5.90 2.84 -5.61
C MET B 308 5.92 3.71 -4.35
N GLY B 309 5.42 4.92 -4.47
CA GLY B 309 5.40 5.78 -3.31
C GLY B 309 6.39 6.89 -3.27
N HIS B 310 6.96 7.03 -2.09
CA HIS B 310 7.89 8.09 -1.79
C HIS B 310 9.19 8.10 -2.56
N TYR B 311 9.75 6.91 -2.79
CA TYR B 311 11.04 6.74 -3.47
C TYR B 311 11.01 6.54 -4.96
N ALA B 312 9.84 6.80 -5.56
CA ALA B 312 9.64 6.64 -6.99
C ALA B 312 10.48 7.63 -7.79
N ASP B 313 10.94 8.69 -7.14
CA ASP B 313 11.73 9.68 -7.85
C ASP B 313 13.19 9.28 -7.96
N ARG B 314 13.55 8.19 -7.31
CA ARG B 314 14.93 7.70 -7.33
C ARG B 314 15.13 6.79 -8.54
N TYR B 315 14.06 6.55 -9.25
CA TYR B 315 14.08 5.70 -10.41
C TYR B 315 14.71 6.41 -11.60
N PRO B 316 15.81 5.84 -12.14
CA PRO B 316 16.56 6.36 -13.28
C PRO B 316 15.70 6.74 -14.49
N GLY B 317 14.84 5.85 -14.95
CA GLY B 317 14.05 6.20 -16.13
C GLY B 317 12.66 6.75 -15.89
N LYS B 318 12.49 7.49 -14.80
CA LYS B 318 11.17 8.02 -14.47
C LYS B 318 10.45 8.84 -15.51
N THR B 319 11.17 9.59 -16.31
CA THR B 319 10.51 10.41 -17.31
C THR B 319 10.82 10.03 -18.75
N ASN B 320 11.39 8.83 -18.93
CA ASN B 320 11.75 8.28 -20.25
C ASN B 320 10.54 8.21 -21.14
N ASP B 321 9.39 8.00 -20.54
CA ASP B 321 8.14 7.88 -21.27
C ASP B 321 7.06 8.23 -20.28
N VAL B 322 5.85 8.50 -20.77
CA VAL B 322 4.75 8.84 -19.90
C VAL B 322 3.76 7.68 -19.84
N GLY B 323 3.14 7.48 -18.67
CA GLY B 323 2.13 6.45 -18.51
C GLY B 323 2.63 5.02 -18.41
N GLN B 324 3.86 4.88 -17.95
CA GLN B 324 4.47 3.58 -17.78
C GLN B 324 3.74 2.89 -16.63
N LYS B 325 3.19 1.72 -16.91
CA LYS B 325 2.45 0.93 -15.93
C LYS B 325 3.29 -0.09 -15.15
N PHE B 326 3.16 -0.04 -13.81
CA PHE B 326 3.87 -0.97 -12.91
C PHE B 326 2.87 -1.67 -12.00
N TYR B 327 3.16 -2.93 -11.65
CA TYR B 327 2.30 -3.75 -10.81
C TYR B 327 3.03 -4.33 -9.62
N LEU B 328 2.29 -4.63 -8.56
CA LEU B 328 2.88 -5.14 -7.34
C LEU B 328 1.77 -5.42 -6.35
N ASP B 329 2.03 -6.29 -5.38
CA ASP B 329 1.03 -6.61 -4.37
C ASP B 329 1.49 -6.08 -3.04
N THR B 330 0.57 -5.69 -2.17
CA THR B 330 0.96 -5.18 -0.85
C THR B 330 0.28 -6.04 0.16
N GLY B 331 0.39 -5.62 1.42
CA GLY B 331 -0.25 -6.35 2.50
C GLY B 331 -1.69 -5.89 2.64
N ASP B 332 -2.42 -6.53 3.55
CA ASP B 332 -3.82 -6.18 3.80
C ASP B 332 -3.98 -5.31 5.05
N ALA B 333 -2.87 -5.04 5.74
CA ALA B 333 -2.89 -4.23 6.95
C ALA B 333 -1.52 -3.61 7.08
N SER B 334 -1.40 -2.53 7.88
CA SER B 334 -0.14 -1.84 8.05
C SER B 334 1.08 -2.69 8.17
N ASN B 335 1.99 -2.13 7.40
CA ASN B 335 3.30 -2.57 6.98
C ASN B 335 2.89 -3.42 5.82
N PHE B 336 2.40 -2.63 4.86
CA PHE B 336 1.89 -3.07 3.60
C PHE B 336 3.04 -3.54 2.72
N ALA B 337 4.27 -3.40 3.21
CA ALA B 337 5.46 -3.79 2.48
C ALA B 337 5.51 -5.31 2.29
N ARG B 338 5.89 -5.73 1.07
CA ARG B 338 5.98 -7.12 0.66
C ARG B 338 7.21 -7.25 -0.25
N TRP B 339 7.94 -8.36 -0.14
CA TRP B 339 9.08 -8.63 -1.01
C TRP B 339 8.78 -9.88 -1.80
N ARG B 340 8.72 -9.74 -3.12
CA ARG B 340 8.40 -10.84 -4.02
C ARG B 340 9.55 -11.80 -4.33
N TYR B 341 9.31 -13.10 -4.20
CA TYR B 341 10.33 -14.11 -4.53
C TYR B 341 9.73 -15.03 -5.60
N LYS B 342 10.51 -16.03 -6.02
CA LYS B 342 10.12 -17.02 -7.01
C LYS B 342 10.89 -18.26 -6.63
N VAL B 343 10.21 -19.39 -6.58
CA VAL B 343 10.83 -20.65 -6.19
C VAL B 343 10.44 -21.72 -7.21
N SER B 344 11.40 -22.56 -7.56
CA SER B 344 11.12 -23.62 -8.53
C SER B 344 11.45 -24.90 -7.83
N VAL B 345 10.45 -25.72 -7.56
CA VAL B 345 10.68 -26.99 -6.89
C VAL B 345 10.62 -28.17 -7.85
N THR B 346 11.66 -29.00 -7.82
CA THR B 346 11.68 -30.19 -8.63
C THR B 346 11.44 -31.32 -7.67
N LEU B 347 10.36 -32.05 -7.95
CA LEU B 347 9.91 -33.13 -7.09
C LEU B 347 10.68 -34.46 -7.18
N SER B 348 10.61 -35.22 -6.10
CA SER B 348 11.25 -36.51 -6.02
C SER B 348 10.37 -37.40 -5.14
N GLY B 349 10.59 -38.71 -5.20
CA GLY B 349 9.78 -39.58 -4.38
C GLY B 349 8.59 -40.17 -5.10
N LYS B 350 7.46 -40.27 -4.44
CA LYS B 350 6.28 -40.89 -5.05
C LYS B 350 5.27 -39.93 -5.66
N LYS B 351 4.53 -40.39 -6.68
CA LYS B 351 3.47 -39.59 -7.30
C LYS B 351 2.31 -39.66 -6.33
N VAL B 352 1.83 -38.50 -5.91
CA VAL B 352 0.79 -38.41 -4.91
C VAL B 352 -0.05 -37.19 -5.26
N THR B 353 -1.07 -36.91 -4.45
CA THR B 353 -1.88 -35.73 -4.67
C THR B 353 -1.75 -34.90 -3.41
N GLY B 354 -1.36 -33.63 -3.55
CA GLY B 354 -1.19 -32.80 -2.39
C GLY B 354 -0.69 -31.39 -2.65
N HIS B 355 -0.54 -30.62 -1.57
CA HIS B 355 -0.08 -29.22 -1.58
C HIS B 355 1.37 -29.14 -1.17
N ILE B 356 2.19 -28.38 -1.90
CA ILE B 356 3.59 -28.23 -1.53
C ILE B 356 3.87 -26.79 -1.09
N LEU B 357 4.54 -26.70 0.06
CA LEU B 357 4.91 -25.45 0.71
C LEU B 357 6.41 -25.35 0.91
N VAL B 358 6.86 -24.11 0.98
CA VAL B 358 8.26 -23.80 1.13
C VAL B 358 8.37 -22.57 2.06
N SER B 359 9.43 -22.52 2.86
CA SER B 359 9.68 -21.36 3.72
C SER B 359 11.17 -21.03 3.49
N LEU B 360 11.49 -19.74 3.55
CA LEU B 360 12.84 -19.26 3.28
C LEU B 360 13.55 -18.82 4.54
N PHE B 361 14.85 -19.12 4.60
CA PHE B 361 15.72 -18.79 5.73
C PHE B 361 16.94 -18.03 5.24
N GLY B 362 17.14 -16.84 5.74
CA GLY B 362 18.26 -16.01 5.30
C GLY B 362 18.90 -15.28 6.46
N ASN B 363 19.90 -14.46 6.17
CA ASN B 363 20.61 -13.73 7.21
C ASN B 363 19.73 -12.82 8.02
N LYS B 364 18.72 -12.22 7.40
CA LYS B 364 17.81 -11.31 8.12
C LYS B 364 16.58 -12.01 8.73
N GLY B 365 16.50 -13.33 8.59
CA GLY B 365 15.36 -14.04 9.16
C GLY B 365 14.68 -15.02 8.22
N ASN B 366 13.55 -15.55 8.66
CA ASN B 366 12.81 -16.53 7.90
C ASN B 366 11.38 -16.09 7.67
N SER B 367 10.66 -16.82 6.84
CA SER B 367 9.29 -16.44 6.57
C SER B 367 8.29 -17.54 6.90
N LYS B 368 7.04 -17.27 6.53
CA LYS B 368 5.89 -18.18 6.62
C LYS B 368 6.09 -19.23 5.52
N GLN B 369 5.29 -20.29 5.54
CA GLN B 369 5.36 -21.32 4.51
C GLN B 369 4.38 -20.79 3.47
N TYR B 370 4.78 -20.83 2.20
CA TYR B 370 3.95 -20.32 1.10
C TYR B 370 3.60 -21.45 0.21
N GLU B 371 2.35 -21.54 -0.20
CA GLU B 371 1.99 -22.65 -1.07
C GLU B 371 2.55 -22.40 -2.45
N ILE B 372 3.29 -23.39 -2.97
CA ILE B 372 3.89 -23.24 -4.30
C ILE B 372 3.05 -23.94 -5.37
N PHE B 373 2.36 -25.01 -4.98
CA PHE B 373 1.58 -25.82 -5.91
C PHE B 373 0.64 -26.77 -5.19
N LYS B 374 -0.46 -27.12 -5.84
CA LYS B 374 -1.39 -28.12 -5.31
C LYS B 374 -2.07 -28.86 -6.46
N GLY B 375 -2.09 -30.19 -6.36
CA GLY B 375 -2.68 -31.03 -7.38
C GLY B 375 -1.86 -32.29 -7.42
N THR B 376 -1.72 -32.85 -8.60
CA THR B 376 -0.92 -34.06 -8.76
C THR B 376 0.59 -33.79 -8.58
N LEU B 377 1.21 -34.43 -7.60
CA LEU B 377 2.64 -34.21 -7.39
C LEU B 377 3.42 -35.41 -7.98
N LYS B 378 3.76 -35.30 -9.26
CA LYS B 378 4.49 -36.35 -9.96
C LYS B 378 6.01 -36.08 -9.96
N PRO B 379 6.83 -37.11 -9.70
CA PRO B 379 8.29 -37.06 -9.65
C PRO B 379 9.06 -36.50 -10.83
N ASP B 380 10.10 -35.74 -10.50
CA ASP B 380 10.98 -35.07 -11.45
C ASP B 380 10.34 -33.91 -12.17
N SER B 381 9.09 -33.63 -11.82
CA SER B 381 8.39 -32.50 -12.42
C SER B 381 8.75 -31.28 -11.57
N THR B 382 8.79 -30.13 -12.24
CA THR B 382 9.17 -28.89 -11.60
C THR B 382 7.98 -27.95 -11.63
N HIS B 383 7.76 -27.25 -10.54
CA HIS B 383 6.67 -26.29 -10.45
C HIS B 383 7.28 -24.98 -9.92
N SER B 384 6.85 -23.85 -10.46
CA SER B 384 7.34 -22.56 -10.01
C SER B 384 6.15 -21.70 -9.59
N ASN B 385 6.45 -20.66 -8.82
CA ASN B 385 5.44 -19.75 -8.36
C ASN B 385 6.19 -18.59 -7.75
N GLU B 386 5.60 -17.40 -7.84
CA GLU B 386 6.19 -16.19 -7.26
C GLU B 386 5.26 -15.86 -6.12
N PHE B 387 5.76 -15.25 -5.06
CA PHE B 387 4.87 -14.92 -3.97
C PHE B 387 5.38 -13.71 -3.25
N ASP B 388 4.49 -13.02 -2.53
CA ASP B 388 4.88 -11.81 -1.81
C ASP B 388 5.07 -12.07 -0.33
N SER B 389 6.34 -12.11 0.06
CA SER B 389 6.74 -12.35 1.43
C SER B 389 6.57 -11.09 2.32
N ASP B 390 6.16 -11.27 3.57
CA ASP B 390 6.03 -10.14 4.50
C ASP B 390 7.40 -9.79 5.16
N VAL B 391 8.44 -10.56 4.84
CA VAL B 391 9.79 -10.27 5.32
C VAL B 391 10.82 -10.39 4.20
N ASP B 392 11.89 -9.62 4.34
CA ASP B 392 13.01 -9.68 3.42
C ASP B 392 13.96 -10.62 4.18
N VAL B 393 14.38 -11.72 3.57
CA VAL B 393 15.24 -12.62 4.33
C VAL B 393 16.73 -12.41 4.05
N GLY B 394 17.03 -11.61 3.06
CA GLY B 394 18.42 -11.35 2.74
C GLY B 394 18.98 -12.48 1.93
N ASP B 395 20.23 -12.84 2.23
CA ASP B 395 20.91 -13.91 1.53
C ASP B 395 20.41 -15.22 2.08
N LEU B 396 19.92 -16.05 1.19
CA LEU B 396 19.35 -17.31 1.59
C LEU B 396 20.38 -18.35 2.00
N GLN B 397 20.13 -18.98 3.13
CA GLN B 397 21.01 -20.00 3.67
C GLN B 397 20.30 -21.34 3.78
N MET B 398 18.98 -21.34 3.64
CA MET B 398 18.23 -22.58 3.80
C MET B 398 16.78 -22.44 3.36
N VAL B 399 16.23 -23.55 2.85
CA VAL B 399 14.86 -23.63 2.39
C VAL B 399 14.29 -24.97 2.90
N LYS B 400 13.12 -24.92 3.53
CA LYS B 400 12.44 -26.10 4.05
C LYS B 400 11.17 -26.43 3.24
N PHE B 401 11.18 -27.61 2.65
CA PHE B 401 10.08 -28.11 1.83
C PHE B 401 9.11 -28.85 2.74
N ILE B 402 7.84 -28.89 2.35
CA ILE B 402 6.80 -29.58 3.13
C ILE B 402 5.53 -29.79 2.30
N TRP B 403 4.90 -30.96 2.44
CA TRP B 403 3.65 -31.24 1.72
C TRP B 403 2.62 -31.90 2.63
N TYR B 404 1.42 -32.08 2.11
CA TYR B 404 0.34 -32.71 2.84
C TYR B 404 -0.85 -32.81 1.91
N ASN B 405 -1.89 -33.51 2.36
CA ASN B 405 -3.12 -33.65 1.58
C ASN B 405 -4.24 -34.06 2.51
N ASN B 406 -5.47 -33.67 2.17
CA ASN B 406 -6.62 -34.01 2.97
C ASN B 406 -6.87 -35.53 3.02
N VAL B 407 -6.43 -36.26 2.00
CA VAL B 407 -6.61 -37.69 2.03
C VAL B 407 -5.25 -38.38 2.13
N ILE B 408 -5.06 -39.04 3.26
CA ILE B 408 -3.86 -39.79 3.61
C ILE B 408 -3.93 -41.18 2.96
N ASN B 409 -2.94 -41.50 2.16
CA ASN B 409 -2.89 -42.80 1.49
C ASN B 409 -2.37 -43.86 2.47
N PRO B 410 -3.00 -45.06 2.47
CA PRO B 410 -2.62 -46.19 3.34
C PRO B 410 -1.25 -46.82 3.06
N THR B 411 -0.48 -46.20 2.17
CA THR B 411 0.82 -46.72 1.84
C THR B 411 1.93 -45.92 2.54
N LEU B 412 1.60 -44.74 3.05
CA LEU B 412 2.57 -43.85 3.71
C LEU B 412 3.66 -43.41 2.73
N PRO B 413 3.27 -42.67 1.67
CA PRO B 413 4.22 -42.19 0.67
C PRO B 413 5.20 -41.15 1.21
N ARG B 414 6.27 -40.92 0.45
CA ARG B 414 7.29 -39.96 0.82
C ARG B 414 7.61 -39.13 -0.43
N VAL B 415 7.49 -37.81 -0.28
CA VAL B 415 7.73 -36.87 -1.38
C VAL B 415 8.90 -35.98 -0.99
N GLY B 416 9.76 -35.69 -1.97
CA GLY B 416 10.90 -34.85 -1.69
C GLY B 416 11.08 -33.76 -2.69
N ALA B 417 12.09 -32.94 -2.46
CA ALA B 417 12.43 -31.84 -3.34
C ALA B 417 13.91 -32.09 -3.59
N SER B 418 14.25 -32.47 -4.80
CA SER B 418 15.65 -32.73 -5.10
C SER B 418 16.37 -31.39 -5.29
N LYS B 419 15.60 -30.39 -5.70
CA LYS B 419 16.17 -29.09 -5.93
C LYS B 419 15.10 -28.06 -5.90
N ILE B 420 15.47 -26.94 -5.27
CA ILE B 420 14.66 -25.74 -5.12
C ILE B 420 15.56 -24.55 -5.49
N ILE B 421 15.06 -23.70 -6.36
CA ILE B 421 15.79 -22.52 -6.76
C ILE B 421 14.97 -21.31 -6.35
N VAL B 422 15.55 -20.48 -5.49
CA VAL B 422 14.94 -19.24 -5.05
C VAL B 422 15.56 -18.11 -5.90
N GLU B 423 14.72 -17.24 -6.47
CA GLU B 423 15.19 -16.11 -7.25
C GLU B 423 14.59 -14.82 -6.65
N THR B 424 15.46 -13.91 -6.22
CA THR B 424 15.03 -12.65 -5.61
C THR B 424 14.61 -11.62 -6.69
N ASN B 425 13.91 -10.55 -6.30
CA ASN B 425 13.44 -9.56 -7.27
C ASN B 425 14.48 -8.88 -8.15
N VAL B 426 15.71 -8.77 -7.65
CA VAL B 426 16.78 -8.17 -8.43
C VAL B 426 17.50 -9.23 -9.30
N GLY B 427 16.95 -10.45 -9.36
CA GLY B 427 17.54 -11.49 -10.17
C GLY B 427 18.61 -12.40 -9.58
N LYS B 428 18.74 -12.40 -8.26
CA LYS B 428 19.74 -13.26 -7.62
C LYS B 428 19.14 -14.65 -7.38
N GLN B 429 19.86 -15.70 -7.79
CA GLN B 429 19.42 -17.11 -7.64
C GLN B 429 20.23 -17.92 -6.67
N PHE B 430 19.57 -18.73 -5.86
CA PHE B 430 20.27 -19.57 -4.89
C PHE B 430 19.73 -20.94 -5.18
N ASN B 431 20.57 -21.97 -5.06
CA ASN B 431 20.11 -23.33 -5.36
C ASN B 431 20.21 -24.16 -4.12
N PHE B 432 19.21 -25.02 -3.93
CA PHE B 432 19.20 -25.91 -2.78
C PHE B 432 18.97 -27.32 -3.23
N CYS B 433 19.60 -28.26 -2.51
CA CYS B 433 19.49 -29.65 -2.90
C CYS B 433 19.15 -30.54 -1.73
N SER B 434 18.51 -31.67 -2.04
CA SER B 434 18.21 -32.71 -1.06
C SER B 434 17.99 -34.03 -1.78
N PRO B 435 18.46 -35.15 -1.19
CA PRO B 435 18.32 -36.50 -1.75
C PRO B 435 17.29 -37.27 -0.92
N GLU B 436 16.89 -36.66 0.18
CA GLU B 436 15.97 -37.23 1.13
C GLU B 436 14.50 -37.08 0.66
N THR B 437 13.59 -37.75 1.34
CA THR B 437 12.16 -37.66 1.07
C THR B 437 11.52 -37.64 2.43
N VAL B 438 10.30 -37.13 2.49
CA VAL B 438 9.59 -37.05 3.76
C VAL B 438 8.11 -37.44 3.71
N ARG B 439 7.63 -37.88 4.86
CA ARG B 439 6.24 -38.24 5.06
C ARG B 439 5.55 -36.88 5.04
N GLU B 440 4.24 -36.85 4.87
CA GLU B 440 3.53 -35.58 4.85
C GLU B 440 3.63 -34.96 6.23
N GLU B 441 3.68 -33.62 6.25
CA GLU B 441 3.75 -32.81 7.47
C GLU B 441 5.05 -32.83 8.27
N VAL B 442 6.14 -33.11 7.58
CA VAL B 442 7.48 -33.14 8.16
C VAL B 442 8.27 -32.20 7.28
N LEU B 443 8.98 -31.25 7.89
CA LEU B 443 9.81 -30.31 7.12
C LEU B 443 11.05 -31.02 6.58
N LEU B 444 11.30 -30.85 5.29
CA LEU B 444 12.47 -31.41 4.63
C LEU B 444 13.41 -30.22 4.54
N THR B 445 14.54 -30.28 5.20
CA THR B 445 15.49 -29.17 5.15
C THR B 445 16.47 -29.33 4.01
N LEU B 446 16.49 -28.36 3.09
CA LEU B 446 17.42 -28.36 1.95
C LEU B 446 18.56 -27.37 2.23
N THR B 447 19.76 -27.78 1.85
CA THR B 447 20.97 -27.03 2.07
C THR B 447 21.51 -26.47 0.77
N PRO B 448 22.36 -25.43 0.87
CA PRO B 448 22.97 -24.76 -0.28
C PRO B 448 23.73 -25.66 -1.22
N CYS B 449 23.45 -25.54 -2.51
CA CYS B 449 24.16 -26.32 -3.48
C CYS B 449 24.25 -25.50 -4.78
C1 BOG C . -15.13 -10.15 22.95
O1 BOG C . -16.03 -9.77 21.94
C2 BOG C . -13.84 -10.64 22.34
O2 BOG C . -14.06 -11.45 21.22
C3 BOG C . -13.16 -11.33 23.45
O3 BOG C . -12.12 -12.13 22.97
C4 BOG C . -12.67 -10.27 24.40
O4 BOG C . -11.98 -10.98 25.40
C5 BOG C . -13.92 -9.46 24.93
O5 BOG C . -14.80 -9.08 23.83
C6 BOG C . -13.47 -8.15 25.61
O6 BOG C . -13.52 -7.08 24.67
C1' BOG C . -17.40 -9.73 22.28
C2' BOG C . -17.93 -11.17 22.46
C3' BOG C . -19.28 -11.21 23.18
C4' BOG C . -20.21 -10.11 22.69
C5' BOG C . -21.58 -10.17 23.32
C6' BOG C . -22.13 -8.78 23.64
C7' BOG C . -22.16 -7.84 22.43
C8' BOG C . -23.33 -6.87 22.50
HO2 BOG C . -14.96 -11.19 20.96
HO3 BOG C . -12.45 -12.42 22.10
HO4 BOG C . -11.96 -11.90 25.09
HO6 BOG C . -14.25 -7.27 24.08
C1 BOG D . -5.04 -8.26 13.03
O1 BOG D . -5.46 -8.67 14.29
C2 BOG D . -5.09 -9.47 12.12
O2 BOG D . -4.58 -10.62 12.73
C3 BOG D . -4.37 -9.01 10.87
O3 BOG D . -3.93 -10.12 10.13
C4 BOG D . -5.37 -8.13 10.20
O4 BOG D . -4.83 -7.81 8.95
C5 BOG D . -5.67 -6.89 11.13
O5 BOG D . -5.93 -7.31 12.47
C6 BOG D . -6.91 -6.04 10.75
O6 BOG D . -7.74 -5.77 11.86
C1' BOG D . -5.44 -7.84 15.43
C2' BOG D . -6.22 -8.57 16.57
C3' BOG D . -5.88 -7.91 17.87
C4' BOG D . -6.72 -8.49 18.98
C5' BOG D . -6.70 -7.62 20.25
C6' BOG D . -5.28 -7.30 20.68
C7' BOG D . -5.08 -5.98 21.42
C8' BOG D . -5.40 -6.13 22.91
HO2 BOG D . -4.66 -10.40 13.67
HO3 BOG D . -4.30 -10.88 10.60
HO4 BOG D . -5.39 -7.16 8.52
HO6 BOG D . -7.53 -6.42 12.55
C1 BOG E . -13.26 13.31 14.20
O1 BOG E . -14.57 13.70 13.98
C2 BOG E . -12.30 14.46 14.00
O2 BOG E . -12.68 15.20 12.87
C3 BOG E . -10.97 13.83 13.84
O3 BOG E . -9.97 14.80 13.56
C4 BOG E . -10.64 13.05 15.11
O4 BOG E . -9.71 12.08 14.77
C5 BOG E . -11.78 12.25 15.73
O5 BOG E . -13.08 12.88 15.51
C6 BOG E . -11.54 12.28 17.25
O6 BOG E . -11.39 13.60 17.77
C1' BOG E . -15.54 12.71 13.79
C2' BOG E . -16.90 13.29 14.11
C3' BOG E . -17.14 14.57 13.31
C4' BOG E . -16.84 14.31 11.84
C5' BOG E . -17.05 15.50 10.91
C6' BOG E . -18.52 15.58 10.61
C7' BOG E . -18.81 16.49 9.46
C8' BOG E . -17.69 16.29 8.47
HO2 BOG E . -13.62 14.95 12.79
HO3 BOG E . -9.95 14.89 12.61
HO4 BOG E . -10.21 11.30 14.50
HO6 BOG E . -11.97 13.70 18.53
C1 BOG F . -18.70 1.91 0.02
C1 BOG F . -18.40 0.00 1.35
O1 BOG F . -19.62 2.46 -0.93
O1 BOG F . -19.65 0.68 1.03
C2 BOG F . -17.24 1.68 -0.60
C2 BOG F . -17.02 0.75 1.10
O2 BOG F . -17.15 2.60 -1.66
O2 BOG F . -17.00 1.65 0.03
C3 BOG F . -17.06 0.23 -1.16
C3 BOG F . -15.92 -0.25 0.89
O3 BOG F . -15.71 -0.18 -1.29
O3 BOG F . -14.66 0.39 0.88
C4 BOG F . -17.68 -0.85 -0.26
C4 BOG F . -15.97 -1.32 1.99
O4 BOG F . -17.53 -2.14 -0.82
O4 BOG F . -15.48 -2.37 1.21
C5 BOG F . -19.18 -0.52 -0.02
C5 BOG F . -17.38 -1.87 2.51
O5 BOG F . -19.30 0.76 0.65
O5 BOG F . -18.39 -0.83 2.54
C6 BOG F . -19.58 -1.61 0.98
C6 BOG F . -17.22 -2.38 3.98
O6 BOG F . -19.26 -1.21 2.31
O6 BOG F . -18.30 -3.13 4.46
C1' BOG F . -20.93 2.81 -0.50
C1' BOG F . -20.37 1.63 1.80
C2' BOG F . -21.18 4.30 -0.78
C2' BOG F . -19.70 2.99 1.56
C3' BOG F . -20.30 5.28 0.04
C3' BOG F . -20.40 4.27 1.99
C4' BOG F . -20.26 6.60 -0.70
C4' BOG F . -20.65 4.26 3.49
C5' BOG F . -19.36 7.51 0.09
C5' BOG F . -20.92 5.71 3.92
C6' BOG F . -19.31 8.90 -0.53
C6' BOG F . -21.83 5.78 5.18
C7' BOG F . -18.29 9.82 0.14
C7' BOG F . -21.20 6.65 6.25
C8' BOG F . -16.80 9.40 0.08
C8' BOG F . -20.00 5.88 6.82
HO2 BOG F . -18.05 2.96 -1.67
HO2 BOG F . -17.87 2.08 0.18
HO3 BOG F . -15.77 -1.14 -1.19
HO3 BOG F . -14.89 1.28 0.62
HO4 BOG F . -18.33 -2.62 -0.58
HO4 BOG F . -16.05 -2.39 0.44
HO6 BOG F . -19.08 -0.24 2.27
HO6 BOG F . -18.00 -4.02 4.68
C1 BOG G . -3.25 0.49 9.83
C1 BOG G . -2.46 0.57 11.20
O1 BOG G . -2.40 0.40 11.00
O1 BOG G . -1.19 0.40 11.80
C2 BOG G . -3.94 -0.80 9.49
C2 BOG G . -2.48 1.74 10.20
O2 BOG G . -3.24 -1.98 9.68
O2 BOG G . -2.09 2.94 10.85
C3 BOG G . -4.40 -0.57 8.09
C3 BOG G . -3.88 1.85 9.61
O3 BOG G . -4.54 -1.73 7.29
O3 BOG G . -4.09 2.96 8.74
C4 BOG G . -5.66 0.18 8.29
C4 BOG G . -4.20 0.59 8.87
O4 BOG G . -6.22 0.20 7.01
O4 BOG G . -5.53 0.74 8.37
C5 BOG G . -5.29 1.59 8.85
C5 BOG G . -4.12 -0.58 9.83
O5 BOG G . -4.29 1.51 9.93
O5 BOG G . -2.83 -0.61 10.47
C6 BOG G . -6.47 2.36 9.47
C6 BOG G . -4.25 -1.90 9.10
O6 BOG G . -7.65 2.40 8.69
O6 BOG G . -4.54 -1.80 7.73
C1' BOG G . -2.75 -0.28 12.20
C1' BOG G . -0.50 1.36 12.58
C2' BOG G . -1.75 -1.37 12.56
C2' BOG G . 0.94 1.44 12.05
C3' BOG G . -1.39 -2.32 11.41
C3' BOG G . 1.87 2.42 12.81
C4' BOG G . -0.64 -3.56 11.86
C4' BOG G . 3.32 1.88 12.99
C5' BOG G . 0.84 -3.31 12.21
C5' BOG G . 3.43 1.08 14.29
C6' BOG G . 1.41 -4.49 13.01
C6' BOG G . 4.72 0.29 14.46
C7' BOG G . 2.93 -4.39 13.17
C7' BOG G . 5.85 0.99 15.24
C8' BOG G . 3.51 -5.55 14.00
C8' BOG G . 7.03 0.02 15.44
HO2 BOG G . -3.86 -2.63 10.01
HO2 BOG G . -1.43 2.66 11.48
HO3 BOG G . -5.26 -2.26 7.67
HO3 BOG G . -5.02 2.95 8.47
HO4 BOG G . -6.07 -0.70 6.68
HO4 BOG G . -5.65 0.03 7.73
HO6 BOG G . -7.91 3.30 8.41
HO6 BOG G . -5.19 -2.52 7.56
CA CA H . -3.14 19.11 -16.33
C1 MUP I . -13.49 11.99 -4.67
C1 MUP I . -12.51 11.64 -2.25
C2 MUP I . -13.48 10.83 -5.66
C2 MUP I . -12.03 12.22 -0.92
C3 MUP I . -14.80 10.63 -6.36
C3 MUP I . -11.66 11.13 0.06
C4 MUP I . -15.93 10.56 -5.38
C4 MUP I . -12.15 11.47 1.47
C5 MUP I . -17.23 10.80 -6.07
C5 MUP I . -13.37 10.66 1.86
C6 MUP I . -18.37 10.33 -5.21
C6 MUP I . -13.87 11.04 3.25
C7 MUP I . -19.17 11.46 -4.62
C7 MUP I . -14.45 9.83 3.98
C8 MUP I . -20.62 11.41 -5.12
C8 MUP I . -15.58 10.23 4.90
C9 MUP I . -21.52 10.63 -4.19
C9 MUP I . -16.58 9.08 5.07
C10 MUP I . -21.54 9.15 -4.54
C10 MUP I . -17.36 9.21 6.39
C11 MUP I . -21.04 8.25 -3.41
C11 MUP I . -18.80 9.66 6.18
CM MUP I . -11.81 11.74 -1.00
CM MUP I . -14.42 11.48 -4.83
O1P MUP I . -11.94 13.71 -3.37
O1P MUP I . -11.61 13.76 -3.19
O2P MUP I . -12.53 11.51 -2.24
O2P MUP I . -13.53 12.55 -4.46
P MUP I . -12.14 12.17 -3.73
P MUP I . -12.10 12.32 -3.69
#